data_3H74
#
_entry.id   3H74
#
_cell.length_a   64.005
_cell.length_b   69.649
_cell.length_c   132.150
_cell.angle_alpha   90.00
_cell.angle_beta   90.00
_cell.angle_gamma   90.00
#
_symmetry.space_group_name_H-M   'C 2 2 21'
#
loop_
_entity.id
_entity.type
_entity.pdbx_description
1 polymer 'Pyridoxal kinase'
2 non-polymer 'SULFATE ION'
3 non-polymer GLYCEROL
4 water water
#
_entity_poly.entity_id   1
_entity_poly.type   'polypeptide(L)'
_entity_poly.pdbx_seq_one_letter_code
;(MSE)SLST(MSE)LVAEDLSAVGGISLSSALPVLTA(MSE)QYDVAALPTSLLSTHTSGYGTPAVVDLSTWLPQVFAHW
TRAQLHFDQALIGYVGSVALCQQITTYLEQQTLSLLVVDPVLGDLGQLYQGFDQDYVAA(MSE)RQLIQQADVILPNTTE
AALLTGAPYQVTPDLEVILPALQAQLKTGAHAVITDVQRADQIGCAWLDEAGHVQYCGARRLPGHYNGTGDTLAAVIAGL
LGRGYPLAPTLARANQWLN(MSE)AVAETIAQNRTDDRQGVALGDLLQAILALNEGHHHHHH
;
_entity_poly.pdbx_strand_id   A
#
# COMPACT_ATOMS: atom_id res chain seq x y z
N SER A 2 -17.24 -5.69 14.48
CA SER A 2 -16.49 -4.84 13.50
C SER A 2 -17.26 -3.54 13.25
N LEU A 3 -16.51 -2.47 12.95
CA LEU A 3 -17.13 -1.16 12.71
C LEU A 3 -17.42 -0.90 11.24
N SER A 4 -16.76 -1.66 10.38
CA SER A 4 -16.95 -1.59 8.94
C SER A 4 -16.18 -2.74 8.31
N THR A 5 -16.46 -2.96 7.04
CA THR A 5 -15.84 -4.01 6.27
C THR A 5 -14.85 -3.40 5.28
N LEU A 7 -12.13 -4.44 2.25
CA LEU A 7 -11.49 -5.36 1.33
C LEU A 7 -10.01 -5.01 1.27
N VAL A 8 -9.17 -6.03 1.45
CA VAL A 8 -7.72 -5.86 1.24
C VAL A 8 -7.30 -6.87 0.20
N ALA A 9 -6.87 -6.38 -0.96
CA ALA A 9 -6.44 -7.27 -2.04
C ALA A 9 -4.96 -7.02 -2.31
N GLU A 10 -4.14 -8.02 -1.98
CA GLU A 10 -2.70 -7.99 -2.21
C GLU A 10 -2.17 -9.40 -2.08
N ASP A 11 -0.86 -9.56 -2.26
CA ASP A 11 -0.29 -10.90 -2.21
C ASP A 11 -0.31 -11.47 -0.80
N LEU A 12 -0.39 -12.79 -0.72
CA LEU A 12 -0.18 -13.51 0.53
C LEU A 12 0.99 -14.46 0.33
N SER A 13 2.06 -14.23 1.09
CA SER A 13 3.12 -15.22 1.20
C SER A 13 3.03 -15.90 2.56
N ALA A 14 3.05 -17.22 2.57
CA ALA A 14 2.85 -17.95 3.81
C ALA A 14 3.93 -17.58 4.83
N VAL A 15 5.18 -17.61 4.36
CA VAL A 15 6.33 -17.20 5.16
C VAL A 15 6.79 -15.83 4.69
N GLY A 16 7.06 -14.95 5.65
CA GLY A 16 7.74 -13.71 5.35
C GLY A 16 7.26 -12.49 6.11
N GLY A 17 6.06 -12.56 6.67
CA GLY A 17 5.51 -11.44 7.47
C GLY A 17 5.37 -10.11 6.77
N ILE A 18 4.90 -10.13 5.54
CA ILE A 18 4.63 -8.91 4.79
C ILE A 18 3.20 -8.94 4.26
N SER A 19 2.85 -7.93 3.47
CA SER A 19 1.60 -7.89 2.70
C SER A 19 0.38 -8.36 3.49
N LEU A 20 -0.38 -9.33 2.97
CA LEU A 20 -1.65 -9.70 3.62
C LEU A 20 -1.45 -10.24 5.02
N SER A 21 -0.34 -10.96 5.25
CA SER A 21 -0.05 -11.49 6.58
C SER A 21 0.13 -10.40 7.64
N SER A 22 0.54 -9.20 7.22
N SER A 22 0.54 -9.21 7.19
CA SER A 22 0.65 -8.09 8.17
CA SER A 22 0.70 -8.04 8.06
C SER A 22 -0.58 -7.19 8.13
C SER A 22 -0.57 -7.23 8.12
N ALA A 23 -1.21 -7.04 6.98
CA ALA A 23 -2.41 -6.22 6.88
C ALA A 23 -3.57 -6.82 7.70
N LEU A 24 -3.70 -8.14 7.70
CA LEU A 24 -4.77 -8.79 8.43
C LEU A 24 -4.75 -8.47 9.92
N PRO A 25 -3.64 -8.75 10.62
CA PRO A 25 -3.57 -8.38 12.04
C PRO A 25 -3.79 -6.88 12.30
N VAL A 26 -3.16 -6.02 11.50
CA VAL A 26 -3.27 -4.58 11.73
C VAL A 26 -4.70 -4.09 11.59
N LEU A 27 -5.36 -4.45 10.49
CA LEU A 27 -6.70 -3.95 10.24
C LEU A 27 -7.75 -4.61 11.13
N THR A 28 -7.54 -5.86 11.47
CA THR A 28 -8.39 -6.51 12.47
C THR A 28 -8.29 -5.76 13.81
N ALA A 29 -7.07 -5.43 14.23
CA ALA A 29 -6.89 -4.71 15.48
C ALA A 29 -7.56 -3.34 15.44
N GLN A 31 -10.36 -2.77 14.11
CA GLN A 31 -11.81 -2.96 14.22
C GLN A 31 -12.49 -3.06 12.81
N TYR A 32 -11.80 -3.59 11.84
CA TYR A 32 -12.37 -3.94 10.57
C TYR A 32 -12.71 -5.40 10.45
N ASP A 33 -13.84 -5.69 9.80
CA ASP A 33 -14.12 -7.00 9.22
C ASP A 33 -13.34 -7.04 7.92
N VAL A 34 -12.22 -7.76 7.92
CA VAL A 34 -11.32 -7.73 6.76
C VAL A 34 -11.72 -8.83 5.76
N ALA A 35 -11.96 -8.44 4.51
CA ALA A 35 -12.07 -9.40 3.43
C ALA A 35 -10.65 -9.50 2.86
N ALA A 36 -9.99 -10.61 3.18
CA ALA A 36 -8.56 -10.78 2.89
C ALA A 36 -8.40 -11.55 1.59
N LEU A 37 -8.16 -10.83 0.50
CA LEU A 37 -8.16 -11.42 -0.82
C LEU A 37 -6.75 -11.51 -1.43
N PRO A 38 -6.16 -12.71 -1.46
CA PRO A 38 -4.87 -12.83 -2.14
C PRO A 38 -4.97 -12.56 -3.64
N THR A 39 -4.07 -11.74 -4.15
CA THR A 39 -3.94 -11.53 -5.58
C THR A 39 -2.94 -12.53 -6.18
N SER A 40 -2.12 -13.10 -5.29
CA SER A 40 -1.09 -14.08 -5.61
C SER A 40 -0.87 -14.84 -4.29
N LEU A 41 -0.56 -16.13 -4.37
CA LEU A 41 -0.33 -16.94 -3.17
C LEU A 41 1.05 -17.59 -3.32
N LEU A 42 1.93 -17.34 -2.35
CA LEU A 42 3.35 -17.75 -2.46
C LEU A 42 3.78 -18.52 -1.23
N SER A 43 4.70 -19.46 -1.42
CA SER A 43 5.28 -20.19 -0.29
C SER A 43 6.05 -19.26 0.66
N THR A 44 6.77 -18.29 0.08
CA THR A 44 7.52 -17.27 0.81
C THR A 44 7.48 -16.01 -0.04
N HIS A 45 7.86 -14.86 0.52
CA HIS A 45 8.04 -13.71 -0.33
C HIS A 45 9.26 -13.89 -1.24
N THR A 46 9.42 -12.96 -2.16
CA THR A 46 10.38 -13.09 -3.25
C THR A 46 11.77 -12.53 -2.94
N SER A 47 12.05 -12.18 -1.70
CA SER A 47 13.32 -11.55 -1.35
C SER A 47 14.14 -12.37 -0.35
N GLY A 48 14.89 -13.34 -0.83
CA GLY A 48 15.90 -14.01 0.00
C GLY A 48 15.71 -15.48 0.35
N TYR A 49 14.61 -16.08 -0.11
CA TYR A 49 14.34 -17.48 0.17
C TYR A 49 14.57 -18.37 -1.06
N GLY A 50 15.08 -17.79 -2.14
CA GLY A 50 15.10 -18.48 -3.44
C GLY A 50 13.72 -18.47 -4.06
N THR A 51 13.61 -19.09 -5.23
CA THR A 51 12.39 -19.04 -6.03
C THR A 51 11.20 -19.66 -5.30
N PRO A 52 10.17 -18.85 -5.01
CA PRO A 52 9.02 -19.42 -4.31
C PRO A 52 8.08 -20.22 -5.21
N ALA A 53 7.25 -21.04 -4.55
CA ALA A 53 6.19 -21.79 -5.21
C ALA A 53 4.94 -20.90 -5.18
N VAL A 54 4.40 -20.58 -6.34
CA VAL A 54 3.38 -19.54 -6.47
C VAL A 54 2.16 -20.06 -7.21
N VAL A 55 0.98 -19.80 -6.67
CA VAL A 55 -0.27 -20.11 -7.36
C VAL A 55 -0.69 -18.90 -8.18
N ASP A 56 -0.94 -19.13 -9.46
CA ASP A 56 -1.49 -18.12 -10.36
C ASP A 56 -2.99 -18.01 -10.08
N LEU A 57 -3.42 -16.85 -9.60
CA LEU A 57 -4.82 -16.63 -9.23
C LEU A 57 -5.58 -15.81 -10.28
N SER A 58 -4.99 -15.66 -11.46
N SER A 58 -4.97 -15.69 -11.46
CA SER A 58 -5.62 -14.86 -12.52
CA SER A 58 -5.54 -14.97 -12.61
C SER A 58 -7.01 -15.37 -12.92
C SER A 58 -6.97 -15.38 -12.92
N THR A 59 -7.22 -16.69 -12.85
CA THR A 59 -8.54 -17.24 -13.19
C THR A 59 -9.46 -17.38 -11.98
N TRP A 60 -8.90 -17.18 -10.77
CA TRP A 60 -9.68 -17.27 -9.55
C TRP A 60 -10.36 -15.95 -9.17
N LEU A 61 -9.63 -14.82 -9.22
CA LEU A 61 -10.25 -13.55 -8.84
C LEU A 61 -11.56 -13.22 -9.57
N PRO A 62 -11.62 -13.48 -10.90
CA PRO A 62 -12.91 -13.24 -11.55
C PRO A 62 -14.06 -14.05 -10.95
N GLN A 63 -13.77 -15.28 -10.54
CA GLN A 63 -14.78 -16.11 -9.89
C GLN A 63 -15.15 -15.60 -8.51
N VAL A 64 -14.15 -15.12 -7.77
CA VAL A 64 -14.40 -14.48 -6.47
C VAL A 64 -15.34 -13.30 -6.63
N PHE A 65 -15.01 -12.39 -7.55
CA PHE A 65 -15.83 -11.21 -7.74
C PHE A 65 -17.24 -11.57 -8.21
N ALA A 66 -17.34 -12.57 -9.09
CA ALA A 66 -18.66 -13.03 -9.56
C ALA A 66 -19.48 -13.58 -8.40
N HIS A 67 -18.83 -14.36 -7.54
CA HIS A 67 -19.51 -14.92 -6.38
C HIS A 67 -19.98 -13.82 -5.42
N TRP A 68 -19.06 -12.91 -5.06
CA TRP A 68 -19.44 -11.83 -4.16
C TRP A 68 -20.60 -11.00 -4.73
N THR A 69 -20.60 -10.78 -6.03
CA THR A 69 -21.69 -10.08 -6.70
C THR A 69 -23.02 -10.83 -6.53
N ARG A 70 -23.01 -12.13 -6.84
CA ARG A 70 -24.24 -12.94 -6.71
C ARG A 70 -24.73 -13.00 -5.27
N ALA A 71 -23.79 -13.01 -4.33
CA ALA A 71 -24.11 -13.09 -2.90
C ALA A 71 -24.51 -11.73 -2.31
N GLN A 72 -24.45 -10.69 -3.14
CA GLN A 72 -24.87 -9.33 -2.76
C GLN A 72 -24.03 -8.74 -1.64
N LEU A 73 -22.73 -9.03 -1.66
CA LEU A 73 -21.82 -8.48 -0.66
C LEU A 73 -21.48 -7.02 -0.94
N HIS A 74 -21.40 -6.25 0.12
CA HIS A 74 -21.05 -4.84 0.04
C HIS A 74 -19.85 -4.59 0.94
N PHE A 75 -18.94 -3.75 0.45
CA PHE A 75 -17.77 -3.35 1.21
C PHE A 75 -17.81 -1.87 1.48
N ASP A 76 -17.35 -1.46 2.65
CA ASP A 76 -17.29 -0.04 2.98
C ASP A 76 -16.03 0.61 2.41
N GLN A 77 -14.91 -0.08 2.58
CA GLN A 77 -13.61 0.45 2.18
C GLN A 77 -12.82 -0.61 1.43
N ALA A 78 -11.81 -0.18 0.69
CA ALA A 78 -10.89 -1.11 0.03
C ALA A 78 -9.49 -0.57 0.02
N LEU A 79 -8.54 -1.48 0.21
CA LEU A 79 -7.12 -1.22 0.08
C LEU A 79 -6.58 -2.21 -0.94
N ILE A 80 -5.92 -1.70 -1.97
CA ILE A 80 -5.32 -2.56 -2.99
C ILE A 80 -3.81 -2.39 -2.93
N GLY A 81 -3.10 -3.48 -2.70
CA GLY A 81 -1.64 -3.49 -2.74
C GLY A 81 -1.17 -4.18 -4.01
N TYR A 82 -0.07 -4.91 -3.92
CA TYR A 82 0.48 -5.63 -5.06
C TYR A 82 -0.58 -6.46 -5.78
N VAL A 83 -0.69 -6.28 -7.09
CA VAL A 83 -1.64 -7.04 -7.89
C VAL A 83 -0.90 -8.10 -8.71
N GLY A 84 -0.08 -7.65 -9.66
CA GLY A 84 0.87 -8.54 -10.32
C GLY A 84 0.66 -8.85 -11.79
N SER A 85 -0.53 -8.56 -12.31
CA SER A 85 -0.80 -8.73 -13.74
C SER A 85 -1.80 -7.73 -14.25
N VAL A 86 -1.73 -7.44 -15.55
CA VAL A 86 -2.64 -6.51 -16.20
C VAL A 86 -4.08 -7.00 -16.07
N ALA A 87 -4.30 -8.28 -16.36
CA ALA A 87 -5.65 -8.86 -16.28
C ALA A 87 -6.27 -8.67 -14.90
N LEU A 88 -5.51 -8.94 -13.84
CA LEU A 88 -6.04 -8.77 -12.49
C LEU A 88 -6.30 -7.30 -12.13
N CYS A 89 -5.43 -6.40 -12.57
CA CYS A 89 -5.69 -4.97 -12.39
C CYS A 89 -7.03 -4.58 -13.00
N GLN A 90 -7.29 -5.07 -14.20
CA GLN A 90 -8.53 -4.77 -14.91
C GLN A 90 -9.75 -5.34 -14.20
N GLN A 91 -9.63 -6.59 -13.74
CA GLN A 91 -10.72 -7.24 -12.99
C GLN A 91 -11.05 -6.48 -11.71
N ILE A 92 -10.01 -6.11 -10.96
CA ILE A 92 -10.19 -5.35 -9.73
C ILE A 92 -10.83 -3.98 -10.02
N THR A 93 -10.35 -3.30 -11.05
CA THR A 93 -10.86 -1.97 -11.40
C THR A 93 -12.39 -1.98 -11.59
N THR A 94 -12.88 -2.94 -12.38
CA THR A 94 -14.31 -2.98 -12.65
C THR A 94 -15.13 -3.43 -11.44
N TYR A 95 -14.57 -4.35 -10.64
CA TYR A 95 -15.26 -4.79 -9.43
C TYR A 95 -15.45 -3.62 -8.47
N LEU A 96 -14.40 -2.83 -8.27
CA LEU A 96 -14.47 -1.68 -7.38
C LEU A 96 -15.52 -0.67 -7.86
N GLU A 97 -15.59 -0.49 -9.17
CA GLU A 97 -16.56 0.42 -9.79
C GLU A 97 -18.02 -0.01 -9.54
N GLN A 98 -18.24 -1.32 -9.37
CA GLN A 98 -19.58 -1.84 -9.03
C GLN A 98 -19.99 -1.49 -7.62
N GLN A 99 -19.00 -1.21 -6.76
CA GLN A 99 -19.28 -0.92 -5.37
C GLN A 99 -19.58 0.56 -5.15
N THR A 100 -19.98 0.89 -3.93
CA THR A 100 -20.13 2.29 -3.52
C THR A 100 -19.25 2.51 -2.29
N LEU A 101 -17.94 2.48 -2.53
CA LEU A 101 -16.98 2.59 -1.44
C LEU A 101 -16.87 4.00 -0.90
N SER A 102 -16.78 4.12 0.41
CA SER A 102 -16.51 5.41 1.02
C SER A 102 -15.02 5.74 0.98
N LEU A 103 -14.19 4.72 0.76
CA LEU A 103 -12.74 4.87 0.76
C LEU A 103 -12.10 3.84 -0.14
N LEU A 104 -11.24 4.30 -1.05
CA LEU A 104 -10.38 3.42 -1.84
C LEU A 104 -8.96 3.93 -1.75
N VAL A 105 -8.07 3.08 -1.22
CA VAL A 105 -6.64 3.38 -1.16
C VAL A 105 -5.92 2.40 -2.07
N VAL A 106 -5.07 2.90 -2.95
CA VAL A 106 -4.24 2.03 -3.78
C VAL A 106 -2.76 2.31 -3.56
N ASP A 107 -2.01 1.27 -3.22
CA ASP A 107 -0.56 1.33 -3.23
C ASP A 107 -0.13 0.88 -4.64
N PRO A 108 0.32 1.82 -5.48
CA PRO A 108 0.57 1.49 -6.89
C PRO A 108 1.94 0.84 -7.06
N VAL A 109 2.04 -0.40 -6.61
CA VAL A 109 3.32 -1.10 -6.56
C VAL A 109 3.82 -1.37 -7.98
N LEU A 110 4.96 -0.77 -8.30
CA LEU A 110 5.55 -0.86 -9.65
C LEU A 110 7.06 -1.02 -9.65
N GLY A 111 7.74 -0.40 -8.70
CA GLY A 111 9.19 -0.43 -8.72
C GLY A 111 9.79 0.36 -7.58
N ASP A 112 11.12 0.40 -7.57
CA ASP A 112 11.87 1.12 -6.55
C ASP A 112 13.27 1.36 -7.09
N LEU A 113 14.00 2.26 -6.45
CA LEU A 113 15.38 2.59 -6.83
C LEU A 113 15.51 2.92 -8.31
N GLY A 114 14.47 3.57 -8.84
CA GLY A 114 14.48 4.03 -10.22
C GLY A 114 14.16 3.03 -11.31
N GLN A 115 13.83 1.80 -10.91
CA GLN A 115 13.53 0.74 -11.88
C GLN A 115 12.21 0.04 -11.59
N LEU A 116 11.51 -0.35 -12.65
CA LEU A 116 10.40 -1.27 -12.55
C LEU A 116 10.87 -2.58 -11.91
N TYR A 117 10.02 -3.20 -11.10
CA TYR A 117 10.29 -4.52 -10.60
C TYR A 117 10.34 -5.51 -11.75
N GLN A 118 11.16 -6.54 -11.59
CA GLN A 118 11.27 -7.59 -12.57
C GLN A 118 9.89 -8.17 -12.89
N GLY A 119 9.55 -8.18 -14.14
CA GLY A 119 8.26 -8.69 -14.60
C GLY A 119 7.21 -7.65 -14.97
N PHE A 120 7.46 -6.42 -14.52
CA PHE A 120 6.58 -5.29 -14.84
C PHE A 120 7.12 -4.47 -16.00
N ASP A 121 6.21 -4.04 -16.87
CA ASP A 121 6.56 -3.25 -18.04
C ASP A 121 5.58 -2.08 -18.20
N GLN A 122 5.71 -1.34 -19.31
CA GLN A 122 4.83 -0.20 -19.57
C GLN A 122 3.35 -0.56 -19.65
N ASP A 123 3.05 -1.78 -20.12
CA ASP A 123 1.67 -2.27 -20.14
C ASP A 123 1.11 -2.34 -18.72
N TYR A 124 1.94 -2.78 -17.77
CA TYR A 124 1.50 -2.86 -16.38
C TYR A 124 1.31 -1.47 -15.78
N VAL A 125 2.20 -0.54 -16.13
CA VAL A 125 2.05 0.85 -15.70
C VAL A 125 0.73 1.44 -16.18
N ALA A 126 0.38 1.15 -17.45
CA ALA A 126 -0.87 1.63 -18.00
C ALA A 126 -2.08 1.04 -17.27
N ALA A 127 -2.01 -0.26 -16.94
CA ALA A 127 -3.07 -0.88 -16.16
C ALA A 127 -3.20 -0.23 -14.78
N ARG A 129 -2.46 2.88 -14.02
CA ARG A 129 -3.05 4.20 -14.19
C ARG A 129 -4.60 4.09 -14.26
N GLN A 130 -5.10 3.03 -14.83
CA GLN A 130 -6.56 2.80 -14.81
C GLN A 130 -7.09 2.47 -13.40
N LEU A 131 -6.37 1.60 -12.71
CA LEU A 131 -6.77 1.17 -11.38
C LEU A 131 -6.79 2.32 -10.36
N ILE A 132 -5.85 3.26 -10.47
CA ILE A 132 -5.79 4.37 -9.53
C ILE A 132 -6.83 5.47 -9.78
N GLN A 133 -7.50 5.41 -10.93
CA GLN A 133 -8.31 6.54 -11.40
C GLN A 133 -9.45 6.95 -10.46
N GLN A 134 -9.99 6.00 -9.70
CA GLN A 134 -11.06 6.33 -8.75
C GLN A 134 -10.63 6.24 -7.28
N ALA A 135 -9.33 6.07 -7.05
CA ALA A 135 -8.81 5.99 -5.68
C ALA A 135 -8.93 7.33 -4.98
N ASP A 136 -9.25 7.32 -3.69
CA ASP A 136 -9.20 8.52 -2.88
C ASP A 136 -7.77 8.91 -2.53
N VAL A 137 -6.93 7.91 -2.32
CA VAL A 137 -5.54 8.12 -1.93
C VAL A 137 -4.70 7.09 -2.67
N ILE A 138 -3.59 7.55 -3.25
CA ILE A 138 -2.56 6.63 -3.77
C ILE A 138 -1.27 6.88 -3.02
N LEU A 139 -0.45 5.82 -2.90
CA LEU A 139 0.75 5.84 -2.07
C LEU A 139 2.02 5.43 -2.83
N PRO A 140 2.31 6.10 -3.96
CA PRO A 140 3.52 5.77 -4.70
C PRO A 140 4.78 6.15 -3.94
N ASN A 141 5.85 5.40 -4.15
CA ASN A 141 7.17 5.87 -3.82
C ASN A 141 7.66 6.78 -4.95
N THR A 142 8.89 7.25 -4.87
CA THR A 142 9.43 8.22 -5.81
C THR A 142 9.60 7.62 -7.21
N THR A 143 9.94 6.34 -7.27
CA THR A 143 10.03 5.62 -8.55
C THR A 143 8.66 5.52 -9.22
N GLU A 144 7.67 5.12 -8.42
CA GLU A 144 6.31 4.93 -8.90
C GLU A 144 5.66 6.25 -9.33
N ALA A 145 5.96 7.33 -8.61
CA ALA A 145 5.43 8.65 -8.97
C ALA A 145 5.84 9.03 -10.39
N ALA A 146 7.13 8.85 -10.69
CA ALA A 146 7.69 9.13 -12.02
C ALA A 146 7.12 8.21 -13.08
N LEU A 147 7.04 6.91 -12.78
CA LEU A 147 6.47 5.96 -13.74
C LEU A 147 5.03 6.35 -14.10
N LEU A 148 4.24 6.72 -13.10
CA LEU A 148 2.83 7.04 -13.32
C LEU A 148 2.63 8.30 -14.14
N THR A 149 3.47 9.31 -13.93
CA THR A 149 3.38 10.55 -14.71
C THR A 149 4.12 10.50 -16.05
N GLY A 150 5.02 9.53 -16.22
CA GLY A 150 5.85 9.43 -17.43
C GLY A 150 7.18 10.16 -17.37
N ALA A 151 7.42 10.89 -16.28
CA ALA A 151 8.67 11.62 -16.11
C ALA A 151 9.84 10.66 -15.90
N PRO A 152 11.02 10.96 -16.49
CA PRO A 152 12.17 10.14 -16.17
C PRO A 152 12.43 10.14 -14.66
N TYR A 153 12.94 9.02 -14.15
CA TYR A 153 13.25 8.92 -12.74
C TYR A 153 14.22 9.99 -12.26
N GLN A 154 13.89 10.59 -11.13
CA GLN A 154 14.78 11.46 -10.38
C GLN A 154 14.78 11.00 -8.93
N VAL A 155 15.96 10.98 -8.31
CA VAL A 155 16.08 10.64 -6.89
C VAL A 155 15.28 11.64 -6.05
N THR A 156 15.40 12.91 -6.40
CA THR A 156 14.71 14.00 -5.72
C THR A 156 13.95 14.84 -6.75
N PRO A 157 12.74 14.40 -7.15
CA PRO A 157 11.95 15.20 -8.08
C PRO A 157 11.40 16.46 -7.42
N ASP A 158 11.07 17.45 -8.25
CA ASP A 158 10.43 18.68 -7.79
C ASP A 158 8.98 18.37 -7.46
N LEU A 159 8.67 18.37 -6.17
CA LEU A 159 7.34 18.04 -5.67
C LEU A 159 6.26 19.01 -6.18
N GLU A 160 6.66 20.25 -6.43
CA GLU A 160 5.76 21.26 -7.00
C GLU A 160 5.33 20.93 -8.43
N VAL A 161 6.10 20.07 -9.10
CA VAL A 161 5.78 19.66 -10.46
C VAL A 161 5.14 18.25 -10.49
N ILE A 162 5.76 17.29 -9.79
CA ILE A 162 5.30 15.90 -9.86
C ILE A 162 3.97 15.64 -9.14
N LEU A 163 3.77 16.28 -7.99
CA LEU A 163 2.51 16.08 -7.27
C LEU A 163 1.27 16.58 -8.06
N PRO A 164 1.28 17.83 -8.57
CA PRO A 164 0.15 18.23 -9.42
C PRO A 164 -0.08 17.34 -10.65
N ALA A 165 1.00 16.89 -11.29
CA ALA A 165 0.88 16.00 -12.45
C ALA A 165 0.25 14.66 -12.07
N LEU A 166 0.69 14.09 -10.95
CA LEU A 166 0.12 12.85 -10.41
C LEU A 166 -1.36 13.03 -10.08
N GLN A 167 -1.69 14.10 -9.38
CA GLN A 167 -3.04 14.21 -8.83
C GLN A 167 -4.11 14.46 -9.90
N ALA A 168 -3.72 15.06 -11.02
CA ALA A 168 -4.67 15.31 -12.09
C ALA A 168 -5.12 14.01 -12.79
N GLN A 169 -4.35 12.93 -12.57
CA GLN A 169 -4.70 11.58 -13.04
C GLN A 169 -5.60 10.85 -12.06
N LEU A 170 -6.07 11.57 -11.07
CA LEU A 170 -6.97 11.03 -10.08
C LEU A 170 -8.28 11.77 -10.21
N LYS A 171 -9.35 11.16 -9.71
CA LYS A 171 -10.66 11.82 -9.65
C LYS A 171 -10.57 13.11 -8.84
N THR A 172 -11.56 13.98 -9.00
CA THR A 172 -11.62 15.23 -8.27
C THR A 172 -11.62 14.98 -6.77
N GLY A 173 -10.79 15.70 -6.03
CA GLY A 173 -10.75 15.62 -4.58
C GLY A 173 -9.80 14.57 -3.99
N ALA A 174 -9.24 13.73 -4.86
CA ALA A 174 -8.33 12.64 -4.42
C ALA A 174 -6.94 13.17 -4.10
N HIS A 175 -6.12 12.33 -3.49
CA HIS A 175 -4.80 12.73 -2.99
C HIS A 175 -3.70 11.80 -3.45
N ALA A 176 -2.69 12.37 -4.09
CA ALA A 176 -1.46 11.65 -4.38
C ALA A 176 -0.48 11.91 -3.22
N VAL A 177 0.00 10.83 -2.62
CA VAL A 177 0.94 10.93 -1.51
C VAL A 177 2.21 10.15 -1.85
N ILE A 178 3.34 10.84 -1.98
CA ILE A 178 4.62 10.15 -2.20
C ILE A 178 5.21 9.80 -0.84
N THR A 179 5.61 8.53 -0.66
CA THR A 179 5.85 7.98 0.69
C THR A 179 7.30 7.89 1.19
N ASP A 180 8.27 8.21 0.35
CA ASP A 180 9.69 8.02 0.67
C ASP A 180 10.48 9.30 0.51
N VAL A 181 9.82 10.43 0.69
CA VAL A 181 10.47 11.71 0.51
C VAL A 181 11.42 11.95 1.70
N GLN A 182 12.67 12.23 1.38
CA GLN A 182 13.68 12.52 2.39
C GLN A 182 13.92 14.00 2.52
N ARG A 183 13.93 14.49 3.75
CA ARG A 183 14.27 15.87 4.05
C ARG A 183 15.22 15.85 5.23
N ALA A 184 16.45 16.29 4.97
CA ALA A 184 17.55 16.14 5.91
C ALA A 184 17.58 14.70 6.44
N ASP A 185 17.48 14.55 7.75
CA ASP A 185 17.51 13.23 8.37
C ASP A 185 16.16 12.52 8.52
N GLN A 186 15.12 13.08 7.91
CA GLN A 186 13.76 12.53 7.98
C GLN A 186 13.39 11.80 6.70
N ILE A 187 12.48 10.84 6.84
CA ILE A 187 11.82 10.23 5.69
C ILE A 187 10.33 10.24 5.95
N GLY A 188 9.54 10.45 4.91
CA GLY A 188 8.09 10.54 5.10
C GLY A 188 7.31 10.84 3.85
N CYS A 189 6.13 11.40 4.07
CA CYS A 189 5.12 11.57 3.03
C CYS A 189 4.97 13.01 2.62
N ALA A 190 4.82 13.22 1.33
CA ALA A 190 4.52 14.55 0.79
C ALA A 190 3.25 14.50 -0.01
N TRP A 191 2.44 15.55 0.09
CA TRP A 191 1.16 15.64 -0.60
C TRP A 191 0.75 17.10 -0.74
N LEU A 192 -0.27 17.35 -1.56
CA LEU A 192 -0.80 18.70 -1.73
C LEU A 192 -1.99 18.92 -0.81
N ASP A 193 -2.00 20.01 -0.10
CA ASP A 193 -3.16 20.44 0.64
C ASP A 193 -4.21 21.03 -0.28
N GLU A 194 -5.34 21.40 0.30
CA GLU A 194 -6.42 21.95 -0.47
C GLU A 194 -6.09 23.22 -1.26
N ALA A 195 -5.11 23.95 -0.73
CA ALA A 195 -4.64 25.19 -1.26
C ALA A 195 -3.56 24.99 -2.31
N GLY A 196 -3.22 23.73 -2.55
CA GLY A 196 -2.24 23.36 -3.56
C GLY A 196 -0.80 23.51 -3.11
N HIS A 197 -0.60 23.64 -1.81
CA HIS A 197 0.74 23.77 -1.24
C HIS A 197 1.26 22.39 -0.84
N VAL A 198 2.55 22.17 -1.10
CA VAL A 198 3.19 20.90 -0.76
C VAL A 198 3.35 20.82 0.75
N GLN A 199 2.79 19.77 1.32
CA GLN A 199 2.95 19.48 2.74
C GLN A 199 3.82 18.25 2.91
N TYR A 200 4.45 18.14 4.06
CA TYR A 200 5.32 17.02 4.37
C TYR A 200 5.21 16.63 5.79
N CYS A 201 5.23 15.37 6.06
CA CYS A 201 5.52 14.96 7.40
C CYS A 201 6.36 13.71 7.34
N GLY A 202 7.26 13.63 8.29
CA GLY A 202 8.17 12.52 8.34
C GLY A 202 8.61 12.12 9.76
N ALA A 203 9.51 11.19 9.81
CA ALA A 203 10.09 10.76 11.06
C ALA A 203 11.56 10.53 10.80
N ARG A 204 12.36 10.57 11.86
CA ARG A 204 13.81 10.42 11.71
C ARG A 204 14.15 9.04 11.15
N ARG A 205 14.89 9.03 10.05
CA ARG A 205 15.20 7.81 9.33
C ARG A 205 16.12 6.91 10.17
N LEU A 206 15.77 5.63 10.23
CA LEU A 206 16.54 4.64 10.97
C LEU A 206 17.40 3.84 10.02
N PRO A 207 18.56 3.33 10.49
CA PRO A 207 19.47 2.60 9.59
C PRO A 207 18.91 1.26 9.16
N GLY A 208 19.26 0.85 7.94
CA GLY A 208 18.89 -0.46 7.44
C GLY A 208 17.70 -0.40 6.50
N HIS A 209 17.36 -1.56 5.95
CA HIS A 209 16.16 -1.70 5.15
C HIS A 209 15.39 -2.92 5.61
N TYR A 210 14.06 -2.78 5.63
CA TYR A 210 13.18 -3.75 6.27
C TYR A 210 11.99 -4.06 5.41
N ASN A 211 11.74 -5.33 5.22
CA ASN A 211 10.62 -5.78 4.42
C ASN A 211 9.29 -5.46 5.10
N GLY A 212 8.28 -5.19 4.29
CA GLY A 212 6.95 -5.00 4.82
C GLY A 212 6.60 -3.58 5.23
N THR A 213 7.54 -2.65 5.11
CA THR A 213 7.28 -1.28 5.58
C THR A 213 6.20 -0.61 4.73
N GLY A 214 6.27 -0.74 3.41
CA GLY A 214 5.27 -0.15 2.53
C GLY A 214 3.89 -0.74 2.76
N ASP A 215 3.82 -2.06 2.88
CA ASP A 215 2.53 -2.73 3.10
C ASP A 215 1.91 -2.29 4.42
N THR A 216 2.72 -2.20 5.47
CA THR A 216 2.23 -1.83 6.78
C THR A 216 1.82 -0.36 6.79
N LEU A 217 2.61 0.51 6.17
CA LEU A 217 2.23 1.91 6.04
C LEU A 217 0.86 2.05 5.37
N ALA A 218 0.67 1.33 4.26
CA ALA A 218 -0.58 1.43 3.52
C ALA A 218 -1.76 0.94 4.36
N ALA A 219 -1.57 -0.17 5.08
CA ALA A 219 -2.63 -0.70 5.94
C ALA A 219 -3.01 0.30 7.02
N VAL A 220 -2.01 0.90 7.65
CA VAL A 220 -2.26 1.89 8.71
C VAL A 220 -2.98 3.12 8.16
N ILE A 221 -2.52 3.62 7.03
CA ILE A 221 -3.15 4.79 6.42
C ILE A 221 -4.61 4.49 6.05
N ALA A 222 -4.86 3.37 5.39
CA ALA A 222 -6.22 3.00 5.04
C ALA A 222 -7.07 2.84 6.29
N GLY A 223 -6.52 2.19 7.32
CA GLY A 223 -7.25 1.97 8.56
C GLY A 223 -7.64 3.26 9.25
N LEU A 224 -6.71 4.21 9.29
CA LEU A 224 -6.99 5.49 9.94
C LEU A 224 -7.99 6.34 9.14
N LEU A 225 -7.82 6.37 7.82
CA LEU A 225 -8.75 7.11 6.98
C LEU A 225 -10.14 6.54 7.09
N GLY A 226 -10.25 5.20 7.13
CA GLY A 226 -11.54 4.55 7.23
C GLY A 226 -12.25 4.80 8.54
N ARG A 227 -11.49 5.23 9.54
CA ARG A 227 -12.06 5.54 10.85
C ARG A 227 -12.33 7.04 11.01
N GLY A 228 -12.16 7.80 9.93
CA GLY A 228 -12.61 9.18 9.88
C GLY A 228 -11.56 10.23 10.13
N TYR A 229 -10.32 9.81 10.30
CA TYR A 229 -9.22 10.75 10.52
C TYR A 229 -8.90 11.49 9.24
N PRO A 230 -8.75 12.83 9.34
CA PRO A 230 -8.32 13.59 8.19
C PRO A 230 -6.93 13.17 7.71
N LEU A 231 -6.62 13.48 6.46
CA LEU A 231 -5.39 13.03 5.82
C LEU A 231 -4.11 13.47 6.54
N ALA A 232 -4.00 14.76 6.86
CA ALA A 232 -2.76 15.27 7.45
C ALA A 232 -2.41 14.57 8.78
N PRO A 233 -3.35 14.52 9.75
CA PRO A 233 -3.01 13.78 10.98
C PRO A 233 -2.86 12.27 10.78
N THR A 234 -3.57 11.70 9.81
CA THR A 234 -3.39 10.29 9.44
C THR A 234 -1.94 10.03 9.01
N LEU A 235 -1.43 10.88 8.12
CA LEU A 235 -0.08 10.68 7.61
C LEU A 235 0.96 10.88 8.71
N ALA A 236 0.74 11.86 9.57
CA ALA A 236 1.64 12.09 10.71
C ALA A 236 1.69 10.86 11.61
N ARG A 237 0.52 10.34 11.99
CA ARG A 237 0.48 9.16 12.86
C ARG A 237 1.05 7.93 12.18
N ALA A 238 0.72 7.72 10.91
CA ALA A 238 1.20 6.54 10.19
C ALA A 238 2.71 6.53 10.11
N ASN A 239 3.31 7.68 9.86
CA ASN A 239 4.77 7.76 9.82
C ASN A 239 5.44 7.46 11.18
N GLN A 240 4.83 7.97 12.22
CA GLN A 240 5.32 7.75 13.55
C GLN A 240 5.20 6.25 13.90
N TRP A 241 4.08 5.65 13.56
CA TRP A 241 3.85 4.22 13.88
C TRP A 241 4.78 3.30 13.08
N LEU A 242 5.02 3.65 11.82
CA LEU A 242 5.97 2.87 11.01
C LEU A 242 7.43 3.02 11.59
N ASN A 243 7.76 4.24 11.99
CA ASN A 243 9.05 4.50 12.63
C ASN A 243 9.21 3.60 13.88
N ALA A 245 7.54 0.75 14.45
CA ALA A 245 7.59 -0.67 14.07
C ALA A 245 9.00 -1.05 13.61
N VAL A 246 9.64 -0.17 12.84
CA VAL A 246 11.01 -0.41 12.43
C VAL A 246 11.96 -0.44 13.65
N ALA A 247 11.76 0.49 14.58
CA ALA A 247 12.57 0.51 15.80
C ALA A 247 12.43 -0.82 16.55
N GLU A 248 11.21 -1.34 16.62
CA GLU A 248 11.02 -2.60 17.31
C GLU A 248 11.72 -3.75 16.60
N THR A 249 11.68 -3.70 15.27
CA THR A 249 12.34 -4.72 14.45
C THR A 249 13.84 -4.74 14.75
N ILE A 250 14.44 -3.56 14.77
CA ILE A 250 15.87 -3.43 15.11
C ILE A 250 16.13 -3.98 16.52
N ALA A 251 15.26 -3.64 17.46
CA ALA A 251 15.42 -4.03 18.86
C ALA A 251 15.37 -5.54 19.07
N GLN A 252 14.72 -6.26 18.15
CA GLN A 252 14.59 -7.70 18.24
C GLN A 252 15.89 -8.43 17.90
N ASN A 253 16.89 -7.71 17.40
CA ASN A 253 18.22 -8.30 17.12
C ASN A 253 18.05 -9.62 16.35
N ARG A 254 17.36 -9.53 15.22
CA ARG A 254 16.95 -10.72 14.48
C ARG A 254 18.10 -11.37 13.76
N THR A 255 18.10 -12.70 13.74
CA THR A 255 19.10 -13.46 12.99
C THR A 255 18.69 -13.59 11.52
N ASP A 256 17.38 -13.55 11.26
CA ASP A 256 16.85 -13.65 9.90
C ASP A 256 16.32 -12.29 9.45
N ASP A 257 17.03 -11.64 8.54
CA ASP A 257 16.62 -10.32 8.06
C ASP A 257 15.51 -10.32 7.01
N ARG A 258 14.97 -11.49 6.69
CA ARG A 258 13.92 -11.59 5.67
C ARG A 258 12.52 -11.31 6.20
N GLN A 259 12.26 -11.65 7.46
CA GLN A 259 10.95 -11.44 8.04
C GLN A 259 10.57 -9.96 8.03
N GLY A 260 9.31 -9.67 7.72
CA GLY A 260 8.84 -8.31 7.70
C GLY A 260 8.84 -7.63 9.07
N VAL A 261 8.59 -6.33 9.03
CA VAL A 261 8.64 -5.47 10.22
C VAL A 261 7.78 -6.01 11.38
N ALA A 262 8.31 -5.88 12.59
CA ALA A 262 7.60 -6.24 13.81
C ALA A 262 6.29 -5.46 13.94
N LEU A 263 5.29 -6.15 14.48
CA LEU A 263 3.94 -5.60 14.62
C LEU A 263 3.47 -5.39 16.06
N GLY A 264 4.20 -5.89 17.05
CA GLY A 264 3.74 -5.86 18.43
C GLY A 264 3.49 -4.47 18.98
N ASP A 265 4.48 -3.59 18.87
CA ASP A 265 4.32 -2.23 19.38
C ASP A 265 3.22 -1.49 18.61
N LEU A 266 3.12 -1.78 17.32
CA LEU A 266 2.06 -1.21 16.49
C LEU A 266 0.67 -1.64 16.95
N LEU A 267 0.51 -2.94 17.19
CA LEU A 267 -0.79 -3.44 17.69
C LEU A 267 -1.16 -2.80 19.03
N GLN A 268 -0.16 -2.63 19.90
N GLN A 268 -0.16 -2.65 19.91
CA GLN A 268 -0.34 -1.96 21.18
CA GLN A 268 -0.36 -1.95 21.18
C GLN A 268 -0.80 -0.51 21.02
C GLN A 268 -0.88 -0.53 20.95
N ALA A 269 -0.23 0.20 20.06
CA ALA A 269 -0.61 1.59 19.79
C ALA A 269 -2.01 1.67 19.22
N ILE A 270 -2.37 0.73 18.36
CA ILE A 270 -3.71 0.66 17.79
C ILE A 270 -4.75 0.45 18.89
N LEU A 271 -4.49 -0.50 19.80
CA LEU A 271 -5.42 -0.74 20.88
C LEU A 271 -5.51 0.45 21.84
N ALA A 272 -4.40 1.13 22.07
CA ALA A 272 -4.40 2.34 22.90
C ALA A 272 -5.25 3.44 22.27
N LEU A 273 -5.19 3.58 20.96
CA LEU A 273 -6.00 4.56 20.25
C LEU A 273 -7.46 4.18 20.34
N ASN A 274 -7.77 2.91 20.21
CA ASN A 274 -9.12 2.39 20.35
C ASN A 274 -9.66 2.72 21.76
N GLU A 275 -8.81 2.46 22.73
CA GLU A 275 -8.86 2.83 24.12
C GLU A 275 -9.00 1.72 25.04
N HIS A 279 14.82 -7.77 -8.95
CA HIS A 279 14.24 -7.07 -7.80
C HIS A 279 12.72 -7.09 -7.83
N HIS A 280 12.13 -7.26 -6.64
CA HIS A 280 10.69 -7.36 -6.49
C HIS A 280 10.22 -6.53 -5.30
N HIS A 281 8.93 -6.23 -5.27
CA HIS A 281 8.29 -5.59 -4.11
C HIS A 281 8.49 -6.43 -2.85
N HIS A 282 8.78 -5.76 -1.75
CA HIS A 282 9.02 -6.44 -0.48
C HIS A 282 8.48 -5.60 0.67
#